data_9D9K
#
_entry.id   9D9K
#
_cell.length_a   108.711
_cell.length_b   108.711
_cell.length_c   265.044
_cell.angle_alpha   90.00
_cell.angle_beta   90.00
_cell.angle_gamma   90.00
#
_symmetry.space_group_name_H-M   'I 41 2 2'
#
loop_
_entity.id
_entity.type
_entity.pdbx_description
1 polymer 'UDP-N-acetylmuramate--L-alanine ligase'
2 non-polymer 'SULFATE ION'
3 non-polymer 'CHLORIDE ION'
4 non-polymer '2-{[(4-amino-5,6-dimethylthieno[2,3-d]pyrimidin-2-yl)methyl]sulfanyl}pyridine-3-carboxylic acid'
5 water water
#
_entity_poly.entity_id   1
_entity_poly.type   'polypeptide(L)'
_entity_poly.pdbx_seq_one_letter_code
;MAHHHHHHRRIHFVGIGGAGMCGIAEVLLNLGYEVSGSDLKASAVTERLEKFGAQIFIGHQAENADGADVLVVS(SEP)A
INRANPEVASALERRIPVVPRAEMLAELMRYRHGIAVAGTHGKTTTTSLIASVFAAGGLDPTFVIGGRLNAAGTNAQLGA
SRYLVAEADESDASFLHLQPMVAVVTNIDADHMATYGGDFNKLKKTFVEFLHNLPFYGLAVMCVDDPVVREILPQIARPT
VTYGLSEDADVRAINIRQEGMRTWFTVLRPEREPLDVSVNMPGLHNVLNSLATIVIATDEGISDEAIVQGLSGFQGVGR
;
_entity_poly.pdbx_strand_id   A
#
# COMPACT_ATOMS: atom_id res chain seq x y z
N HIS A 8 -4.06 19.33 17.94
CA HIS A 8 -2.84 18.53 18.12
C HIS A 8 -3.04 17.35 19.09
N ARG A 9 -2.56 16.17 18.70
CA ARG A 9 -2.87 14.92 19.40
C ARG A 9 -1.59 14.15 19.70
N ARG A 10 -1.70 13.24 20.69
CA ARG A 10 -0.63 12.31 21.05
C ARG A 10 -1.10 10.87 20.84
N ILE A 11 -0.39 10.12 20.00
CA ILE A 11 -0.62 8.69 19.80
C ILE A 11 0.37 7.90 20.65
N HIS A 12 -0.13 6.88 21.33
CA HIS A 12 0.68 5.98 22.14
C HIS A 12 0.63 4.57 21.55
N PHE A 13 1.79 3.99 21.28
CA PHE A 13 1.89 2.65 20.72
C PHE A 13 2.23 1.64 21.81
N VAL A 14 1.42 0.59 21.91
CA VAL A 14 1.69 -0.48 22.87
C VAL A 14 2.46 -1.58 22.14
N GLY A 15 3.75 -1.67 22.42
CA GLY A 15 4.63 -2.57 21.70
C GLY A 15 5.30 -1.88 20.53
N ILE A 16 5.75 -0.64 20.76
CA ILE A 16 6.19 0.22 19.68
C ILE A 16 7.39 -0.35 18.95
N GLY A 17 8.18 -1.20 19.61
CA GLY A 17 9.30 -1.82 18.93
C GLY A 17 8.91 -2.91 17.94
N GLY A 18 7.70 -3.45 18.06
CA GLY A 18 7.20 -4.39 17.08
C GLY A 18 7.46 -3.92 15.66
N ALA A 19 7.69 -4.86 14.74
CA ALA A 19 8.16 -4.50 13.40
C ALA A 19 7.05 -3.91 12.55
N GLY A 20 5.78 -4.26 12.83
CA GLY A 20 4.69 -3.61 12.16
C GLY A 20 4.30 -2.27 12.73
N MET A 21 4.76 -1.94 13.93
CA MET A 21 4.39 -0.73 14.64
C MET A 21 5.40 0.40 14.47
N CYS A 22 6.70 0.07 14.47
CA CYS A 22 7.73 1.11 14.42
C CYS A 22 7.55 2.02 13.22
N GLY A 23 7.29 1.43 12.05
CA GLY A 23 7.11 2.23 10.85
C GLY A 23 5.95 3.21 10.95
N ILE A 24 4.84 2.76 11.54
CA ILE A 24 3.69 3.65 11.70
C ILE A 24 4.05 4.80 12.62
N ALA A 25 4.79 4.51 13.69
CA ALA A 25 5.19 5.56 14.62
C ALA A 25 6.05 6.61 13.91
N GLU A 26 7.00 6.17 13.09
CA GLU A 26 7.90 7.08 12.40
C GLU A 26 7.16 7.96 11.39
N VAL A 27 6.13 7.44 10.72
CA VAL A 27 5.35 8.27 9.82
C VAL A 27 4.58 9.33 10.60
N LEU A 28 4.00 8.96 11.74
CA LEU A 28 3.24 9.95 12.50
C LEU A 28 4.15 11.02 13.07
N LEU A 29 5.36 10.64 13.48
CA LEU A 29 6.35 11.66 13.83
C LEU A 29 6.57 12.59 12.66
N ASN A 30 6.75 12.02 11.46
CA ASN A 30 6.99 12.84 10.27
C ASN A 30 5.81 13.74 9.94
N LEU A 31 4.61 13.39 10.36
CA LEU A 31 3.44 14.22 10.11
C LEU A 31 3.23 15.26 11.19
N GLY A 32 4.05 15.28 12.24
CA GLY A 32 3.98 16.29 13.26
C GLY A 32 3.24 15.94 14.53
N TYR A 33 2.83 14.70 14.72
CA TYR A 33 2.15 14.31 15.94
C TYR A 33 3.17 14.00 17.05
N GLU A 34 2.75 14.21 18.28
CA GLU A 34 3.46 13.64 19.42
C GLU A 34 3.22 12.14 19.44
N VAL A 35 4.29 11.37 19.58
CA VAL A 35 4.21 9.92 19.58
C VAL A 35 4.92 9.39 20.81
N SER A 36 4.20 8.70 21.67
CA SER A 36 4.77 7.91 22.74
C SER A 36 4.64 6.43 22.37
N GLY A 37 5.25 5.60 23.18
CA GLY A 37 5.18 4.18 22.95
C GLY A 37 5.87 3.38 24.04
N SER A 38 5.33 2.21 24.33
CA SER A 38 5.87 1.32 25.33
C SER A 38 6.36 0.05 24.67
N ASP A 39 7.48 -0.49 25.15
CA ASP A 39 7.93 -1.80 24.74
C ASP A 39 8.63 -2.47 25.92
N LEU A 40 8.81 -3.78 25.82
CA LEU A 40 9.45 -4.51 26.91
C LEU A 40 10.97 -4.46 26.83
N LYS A 41 11.53 -4.34 25.63
CA LYS A 41 12.98 -4.27 25.43
C LYS A 41 13.34 -3.05 24.62
N ALA A 42 14.25 -2.23 25.13
CA ALA A 42 14.88 -1.22 24.30
C ALA A 42 15.63 -1.92 23.18
N SER A 43 15.60 -1.32 21.99
CA SER A 43 16.27 -1.86 20.82
C SER A 43 16.75 -0.72 19.96
N ALA A 44 17.49 -1.06 18.89
CA ALA A 44 17.92 -0.03 17.96
C ALA A 44 16.72 0.70 17.39
N VAL A 45 15.61 -0.02 17.17
CA VAL A 45 14.39 0.58 16.63
C VAL A 45 13.86 1.64 17.57
N THR A 46 13.81 1.34 18.87
CA THR A 46 13.26 2.32 19.81
C THR A 46 14.19 3.51 19.98
N GLU A 47 15.49 3.32 19.76
CA GLU A 47 16.40 4.46 19.83
C GLU A 47 16.30 5.34 18.59
N ARG A 48 16.13 4.72 17.42
CA ARG A 48 15.87 5.50 16.21
C ARG A 48 14.61 6.34 16.38
N LEU A 49 13.56 5.76 16.97
CA LEU A 49 12.32 6.52 17.17
C LEU A 49 12.55 7.66 18.14
N GLU A 50 13.37 7.44 19.17
CA GLU A 50 13.66 8.47 20.15
C GLU A 50 14.50 9.58 19.53
N LYS A 51 15.51 9.21 18.74
CA LYS A 51 16.28 10.19 18.00
C LYS A 51 15.39 11.07 17.16
N PHE A 52 14.26 10.53 16.69
CA PHE A 52 13.34 11.24 15.81
C PHE A 52 12.23 11.95 16.56
N GLY A 53 12.16 11.84 17.89
CA GLY A 53 11.18 12.60 18.65
C GLY A 53 10.23 11.81 19.50
N ALA A 54 10.27 10.48 19.50
CA ALA A 54 9.28 9.70 20.23
C ALA A 54 9.67 9.54 21.69
N GLN A 55 8.68 9.57 22.57
CA GLN A 55 8.88 9.25 23.97
C GLN A 55 8.70 7.75 24.17
N ILE A 56 9.78 7.07 24.57
CA ILE A 56 9.81 5.62 24.70
C ILE A 56 9.78 5.24 26.17
N PHE A 57 8.90 4.30 26.53
CA PHE A 57 8.85 3.71 27.86
C PHE A 57 9.15 2.23 27.77
N ILE A 58 9.85 1.70 28.78
CA ILE A 58 10.19 0.28 28.84
C ILE A 58 9.35 -0.37 29.93
N GLY A 59 8.75 -1.51 29.61
CA GLY A 59 7.80 -2.14 30.50
C GLY A 59 6.43 -1.50 30.40
N HIS A 60 5.37 -2.30 30.47
CA HIS A 60 4.02 -1.78 30.36
C HIS A 60 3.46 -1.45 31.72
N GLN A 61 2.98 -0.22 31.90
CA GLN A 61 2.31 0.21 33.11
C GLN A 61 1.37 1.34 32.75
N ALA A 62 0.24 1.41 33.48
CA ALA A 62 -0.86 2.27 33.05
C ALA A 62 -0.43 3.72 32.89
N GLU A 63 0.59 4.17 33.65
CA GLU A 63 1.02 5.56 33.54
C GLU A 63 1.49 5.90 32.14
N ASN A 64 2.02 4.92 31.40
CA ASN A 64 2.55 5.21 30.07
C ASN A 64 1.47 5.75 29.15
N ALA A 65 0.25 5.24 29.28
CA ALA A 65 -0.85 5.70 28.43
C ALA A 65 -1.35 7.08 28.83
N ASP A 66 -0.92 7.63 29.96
CA ASP A 66 -1.41 8.95 30.37
C ASP A 66 -1.05 10.00 29.34
N GLY A 67 -2.01 10.89 29.09
CA GLY A 67 -1.85 11.96 28.13
C GLY A 67 -2.15 11.57 26.71
N ALA A 68 -2.22 10.27 26.40
CA ALA A 68 -2.46 9.85 25.04
C ALA A 68 -3.89 10.18 24.63
N ASP A 69 -4.05 10.68 23.42
CA ASP A 69 -5.38 10.87 22.85
C ASP A 69 -5.85 9.65 22.09
N VAL A 70 -4.95 8.74 21.72
CA VAL A 70 -5.27 7.51 21.03
C VAL A 70 -4.25 6.46 21.41
N LEU A 71 -4.67 5.19 21.40
CA LEU A 71 -3.77 4.07 21.57
C LEU A 71 -3.77 3.23 20.31
N VAL A 72 -2.59 2.77 19.93
CA VAL A 72 -2.43 1.79 18.87
C VAL A 72 -1.87 0.55 19.53
N VAL A 73 -2.49 -0.58 19.27
CA VAL A 73 -2.12 -1.84 19.89
C VAL A 73 -1.97 -2.87 18.79
N SER A 74 -0.91 -3.66 18.87
CA SER A 74 -0.69 -4.72 17.90
C SER A 74 -1.67 -5.84 18.17
N ALA A 76 -0.29 -8.55 19.12
CA ALA A 76 0.56 -9.19 20.13
C ALA A 76 0.41 -8.53 21.51
N ILE A 77 -0.82 -8.16 21.86
CA ILE A 77 -1.14 -7.53 23.13
C ILE A 77 -2.43 -8.14 23.67
N ASN A 78 -2.59 -8.09 24.98
CA ASN A 78 -3.75 -8.64 25.67
C ASN A 78 -4.62 -7.49 26.20
N ARG A 79 -5.93 -7.73 26.27
CA ARG A 79 -6.80 -6.74 26.91
C ARG A 79 -6.44 -6.56 28.37
N ALA A 80 -5.79 -7.56 28.98
CA ALA A 80 -5.31 -7.43 30.35
C ALA A 80 -4.15 -6.45 30.49
N ASN A 81 -3.52 -6.07 29.38
CA ASN A 81 -2.36 -5.19 29.44
C ASN A 81 -2.75 -3.89 30.15
N PRO A 82 -2.01 -3.46 31.17
CA PRO A 82 -2.46 -2.30 31.97
C PRO A 82 -2.74 -1.04 31.15
N GLU A 83 -1.89 -0.70 30.19
CA GLU A 83 -2.10 0.53 29.42
C GLU A 83 -3.40 0.46 28.64
N VAL A 84 -3.65 -0.67 27.98
CA VAL A 84 -4.90 -0.85 27.25
C VAL A 84 -6.07 -0.70 28.20
N ALA A 85 -5.99 -1.36 29.35
CA ALA A 85 -7.08 -1.28 30.33
C ALA A 85 -7.28 0.15 30.81
N SER A 86 -6.19 0.86 31.10
CA SER A 86 -6.31 2.26 31.51
C SER A 86 -6.97 3.09 30.42
N ALA A 87 -6.57 2.89 29.17
CA ALA A 87 -7.18 3.64 28.07
C ALA A 87 -8.67 3.38 28.01
N LEU A 88 -9.08 2.12 28.13
CA LEU A 88 -10.49 1.79 28.07
C LEU A 88 -11.27 2.45 29.20
N GLU A 89 -10.69 2.47 30.41
CA GLU A 89 -11.39 3.08 31.53
C GLU A 89 -11.58 4.57 31.30
N ARG A 90 -10.56 5.24 30.79
CA ARG A 90 -10.62 6.68 30.53
C ARG A 90 -11.30 7.02 29.20
N ARG A 91 -11.78 6.02 28.47
CA ARG A 91 -12.47 6.21 27.19
C ARG A 91 -11.53 6.70 26.09
N ILE A 92 -10.23 6.50 26.25
CA ILE A 92 -9.31 6.77 25.14
C ILE A 92 -9.54 5.73 24.06
N PRO A 93 -9.79 6.13 22.81
CA PRO A 93 -10.01 5.12 21.77
C PRO A 93 -8.79 4.24 21.60
N VAL A 94 -9.03 2.96 21.33
CA VAL A 94 -7.98 1.98 21.12
C VAL A 94 -8.14 1.44 19.71
N VAL A 95 -7.10 1.60 18.91
CA VAL A 95 -7.16 1.37 17.46
C VAL A 95 -6.20 0.23 17.14
N PRO A 96 -6.59 -0.74 16.34
CA PRO A 96 -5.65 -1.80 15.96
C PRO A 96 -4.62 -1.29 14.97
N ARG A 97 -3.42 -1.87 15.07
CA ARG A 97 -2.30 -1.54 14.19
C ARG A 97 -2.73 -1.37 12.74
N ALA A 98 -3.55 -2.28 12.23
CA ALA A 98 -3.86 -2.22 10.80
C ALA A 98 -4.72 -1.01 10.44
N GLU A 99 -5.52 -0.49 11.38
CA GLU A 99 -6.35 0.65 11.02
C GLU A 99 -5.55 1.95 10.97
N MET A 100 -4.63 2.13 11.91
CA MET A 100 -3.76 3.30 11.86
C MET A 100 -2.95 3.29 10.59
N LEU A 101 -2.52 2.11 10.16
CA LEU A 101 -1.74 1.98 8.93
C LEU A 101 -2.51 2.45 7.72
N ALA A 102 -3.80 2.12 7.64
CA ALA A 102 -4.63 2.53 6.50
C ALA A 102 -4.94 4.00 6.54
N GLU A 103 -4.95 4.60 7.73
CA GLU A 103 -5.27 6.02 7.85
C GLU A 103 -4.17 6.88 7.26
N LEU A 104 -2.93 6.38 7.29
CA LEU A 104 -1.80 7.16 6.81
C LEU A 104 -2.04 7.65 5.39
N MET A 105 -2.85 6.90 4.62
CA MET A 105 -3.09 7.26 3.24
C MET A 105 -3.87 8.58 3.09
N ARG A 106 -4.59 9.01 4.13
CA ARG A 106 -5.32 10.26 4.06
C ARG A 106 -4.40 11.48 4.02
N TYR A 107 -3.16 11.36 4.50
CA TYR A 107 -2.24 12.48 4.53
C TYR A 107 -1.37 12.57 3.29
N ARG A 108 -1.53 11.67 2.32
CA ARG A 108 -0.57 11.53 1.25
C ARG A 108 -1.30 11.22 -0.04
N HIS A 109 -0.56 11.27 -1.13
CA HIS A 109 -1.05 10.85 -2.43
C HIS A 109 -0.98 9.33 -2.45
N GLY A 110 -2.09 8.70 -2.06
CA GLY A 110 -2.11 7.26 -1.84
C GLY A 110 -2.38 6.51 -3.12
N ILE A 111 -1.57 5.48 -3.37
CA ILE A 111 -1.76 4.53 -4.46
C ILE A 111 -2.02 3.18 -3.83
N ALA A 112 -3.29 2.75 -3.82
CA ALA A 112 -3.67 1.46 -3.23
C ALA A 112 -3.62 0.37 -4.28
N VAL A 113 -2.85 -0.68 -4.03
CA VAL A 113 -2.70 -1.78 -4.97
C VAL A 113 -3.56 -2.92 -4.44
N ALA A 114 -4.75 -3.07 -5.02
CA ALA A 114 -5.66 -4.14 -4.62
C ALA A 114 -5.65 -5.24 -5.67
N GLY A 115 -6.30 -6.34 -5.32
CA GLY A 115 -6.25 -7.55 -6.12
C GLY A 115 -5.92 -8.71 -5.21
N THR A 116 -6.39 -9.88 -5.58
CA THR A 116 -6.15 -11.03 -4.73
C THR A 116 -4.73 -11.53 -4.84
N HIS A 117 -4.10 -11.37 -6.00
CA HIS A 117 -2.73 -11.80 -6.21
C HIS A 117 -1.93 -10.74 -6.97
N GLY A 118 -0.63 -10.73 -6.73
CA GLY A 118 0.23 -9.74 -7.37
C GLY A 118 0.22 -8.37 -6.73
N LYS A 119 -0.35 -8.23 -5.53
CA LYS A 119 -0.25 -6.95 -4.83
C LYS A 119 1.20 -6.62 -4.50
N THR A 120 1.93 -7.60 -3.98
CA THR A 120 3.29 -7.32 -3.51
C THR A 120 4.20 -6.95 -4.66
N THR A 121 4.22 -7.74 -5.73
CA THR A 121 5.12 -7.43 -6.82
C THR A 121 4.76 -6.11 -7.47
N THR A 122 3.47 -5.85 -7.66
CA THR A 122 3.07 -4.61 -8.30
C THR A 122 3.43 -3.40 -7.43
N THR A 123 3.31 -3.54 -6.10
CA THR A 123 3.70 -2.45 -5.22
C THR A 123 5.20 -2.19 -5.32
N SER A 124 6.00 -3.25 -5.33
CA SER A 124 7.44 -3.08 -5.45
C SER A 124 7.81 -2.46 -6.79
N LEU A 125 7.16 -2.87 -7.86
CA LEU A 125 7.48 -2.30 -9.16
C LEU A 125 7.15 -0.82 -9.18
N ILE A 126 6.00 -0.45 -8.64
CA ILE A 126 5.61 0.96 -8.59
C ILE A 126 6.67 1.74 -7.84
N ALA A 127 7.03 1.29 -6.64
CA ALA A 127 8.02 1.98 -5.84
C ALA A 127 9.36 2.06 -6.58
N SER A 128 9.69 1.04 -7.34
CA SER A 128 10.97 1.04 -8.04
C SER A 128 10.97 2.03 -9.21
N VAL A 129 9.83 2.22 -9.86
CA VAL A 129 9.73 3.20 -10.94
C VAL A 129 9.72 4.62 -10.38
N PHE A 130 8.91 4.85 -9.35
CA PHE A 130 8.86 6.17 -8.73
C PHE A 130 10.22 6.55 -8.18
N ALA A 131 10.92 5.59 -7.57
CA ALA A 131 12.27 5.88 -7.11
C ALA A 131 13.17 6.28 -8.26
N ALA A 132 13.04 5.60 -9.41
CA ALA A 132 13.87 5.97 -10.55
C ALA A 132 13.57 7.39 -11.00
N GLY A 133 12.35 7.86 -10.81
CA GLY A 133 11.99 9.23 -11.15
C GLY A 133 12.25 10.21 -10.04
N GLY A 134 13.03 9.82 -9.03
CA GLY A 134 13.44 10.75 -8.00
C GLY A 134 12.45 10.98 -6.87
N LEU A 135 11.43 10.14 -6.73
CA LEU A 135 10.33 10.45 -5.81
C LEU A 135 10.45 9.78 -4.44
N ASP A 136 11.39 8.85 -4.25
CA ASP A 136 11.64 8.21 -2.95
C ASP A 136 10.37 7.87 -2.19
N PRO A 137 9.43 7.17 -2.82
CA PRO A 137 8.14 6.91 -2.17
C PRO A 137 8.25 5.98 -0.98
N THR A 138 7.32 6.16 -0.05
CA THR A 138 7.13 5.22 1.04
C THR A 138 6.12 4.15 0.60
N PHE A 139 6.42 2.89 0.89
CA PHE A 139 5.52 1.83 0.43
C PHE A 139 5.36 0.74 1.48
N VAL A 140 4.21 0.06 1.41
CA VAL A 140 3.77 -0.88 2.43
C VAL A 140 3.64 -2.26 1.80
N ILE A 141 4.41 -3.21 2.31
CA ILE A 141 4.34 -4.59 1.88
C ILE A 141 4.23 -5.47 3.11
N GLY A 142 3.20 -6.30 3.16
CA GLY A 142 3.03 -7.20 4.29
C GLY A 142 2.92 -6.49 5.61
N GLY A 143 2.26 -5.33 5.63
CA GLY A 143 2.08 -4.60 6.88
C GLY A 143 3.29 -3.82 7.35
N ARG A 144 4.36 -3.76 6.55
CA ARG A 144 5.60 -3.12 6.93
C ARG A 144 5.90 -1.95 6.02
N LEU A 145 6.17 -0.79 6.61
CA LEU A 145 6.53 0.40 5.86
C LEU A 145 8.01 0.38 5.46
N ASN A 146 8.30 0.69 4.20
CA ASN A 146 9.66 0.81 3.69
C ASN A 146 9.80 2.05 2.82
N ALA A 147 11.04 2.42 2.56
CA ALA A 147 11.35 3.45 1.56
C ALA A 147 12.75 3.14 1.05
N ALA A 148 12.83 2.53 -0.13
CA ALA A 148 14.05 1.89 -0.57
C ALA A 148 15.23 2.86 -0.55
N GLY A 149 16.16 2.67 0.38
CA GLY A 149 17.34 3.51 0.43
C GLY A 149 17.04 4.95 0.76
N THR A 150 15.91 5.22 1.39
CA THR A 150 15.60 6.58 1.79
C THR A 150 16.66 7.08 2.75
N ASN A 151 16.98 8.38 2.66
CA ASN A 151 17.77 9.08 3.65
C ASN A 151 16.90 9.95 4.54
N ALA A 152 15.60 9.71 4.55
CA ALA A 152 14.63 10.52 5.28
C ALA A 152 13.79 9.62 6.19
N GLN A 153 12.96 10.25 7.00
CA GLN A 153 11.97 9.52 7.76
C GLN A 153 10.96 8.86 6.83
N LEU A 154 10.38 7.77 7.30
CA LEU A 154 9.27 7.18 6.58
C LEU A 154 8.13 8.19 6.48
N GLY A 155 7.53 8.27 5.30
CA GLY A 155 6.46 9.20 5.08
C GLY A 155 6.89 10.53 4.48
N ALA A 156 8.19 10.75 4.29
CA ALA A 156 8.64 12.04 3.80
C ALA A 156 8.11 12.31 2.38
N SER A 157 8.06 11.28 1.55
CA SER A 157 7.58 11.45 0.18
C SER A 157 6.14 11.95 0.15
N ARG A 158 5.76 12.60 -0.94
CA ARG A 158 4.34 12.85 -1.17
C ARG A 158 3.58 11.55 -1.37
N TYR A 159 4.25 10.50 -1.77
CA TYR A 159 3.59 9.30 -2.28
C TYR A 159 3.63 8.19 -1.24
N LEU A 160 2.49 7.50 -1.12
CA LEU A 160 2.36 6.33 -0.26
C LEU A 160 1.70 5.23 -1.08
N VAL A 161 2.44 4.16 -1.34
CA VAL A 161 2.01 3.04 -2.17
C VAL A 161 1.75 1.86 -1.25
N ALA A 162 0.55 1.28 -1.29
CA ALA A 162 0.23 0.23 -0.31
C ALA A 162 -0.57 -0.92 -0.91
N GLU A 163 -0.23 -2.13 -0.47
CA GLU A 163 -1.11 -3.28 -0.68
C GLU A 163 -2.47 -3.04 -0.03
N ALA A 164 -3.53 -3.42 -0.73
CA ALA A 164 -4.89 -3.33 -0.22
C ALA A 164 -5.47 -4.74 -0.19
N ASP A 165 -5.48 -5.34 0.99
CA ASP A 165 -5.88 -6.72 1.13
C ASP A 165 -7.38 -6.80 1.39
N GLU A 166 -8.10 -7.53 0.52
CA GLU A 166 -9.56 -7.59 0.63
C GLU A 166 -10.01 -8.34 1.88
N SER A 167 -9.11 -9.09 2.51
CA SER A 167 -9.44 -9.81 3.73
C SER A 167 -9.22 -8.97 4.98
N ASP A 168 -8.57 -7.82 4.83
CA ASP A 168 -8.26 -6.93 5.95
C ASP A 168 -9.49 -6.13 6.37
N ALA A 169 -9.60 -5.86 7.67
CA ALA A 169 -10.79 -5.19 8.15
C ALA A 169 -10.90 -3.79 7.59
N SER A 170 -9.76 -3.15 7.29
CA SER A 170 -9.70 -1.75 6.87
C SER A 170 -9.77 -1.56 5.36
N PHE A 171 -9.88 -2.65 4.58
CA PHE A 171 -9.92 -2.56 3.12
C PHE A 171 -10.78 -1.40 2.64
N LEU A 172 -11.98 -1.27 3.20
CA LEU A 172 -12.92 -0.24 2.76
C LEU A 172 -12.74 1.11 3.45
N HIS A 173 -11.68 1.29 4.24
CA HIS A 173 -11.39 2.57 4.85
C HIS A 173 -10.13 3.21 4.26
N LEU A 174 -9.55 2.60 3.24
CA LEU A 174 -8.51 3.27 2.49
C LEU A 174 -9.10 4.43 1.70
N GLN A 175 -8.33 5.50 1.58
CA GLN A 175 -8.75 6.70 0.85
C GLN A 175 -7.68 7.06 -0.16
N PRO A 176 -7.50 6.21 -1.17
CA PRO A 176 -6.46 6.44 -2.16
C PRO A 176 -6.87 7.49 -3.18
N MET A 177 -5.85 8.00 -3.88
CA MET A 177 -6.04 8.80 -5.08
C MET A 177 -6.09 7.91 -6.30
N VAL A 178 -5.42 6.77 -6.23
CA VAL A 178 -5.35 5.83 -7.32
C VAL A 178 -5.50 4.43 -6.73
N ALA A 179 -6.26 3.59 -7.41
CA ALA A 179 -6.47 2.20 -6.97
C ALA A 179 -6.25 1.26 -8.15
N VAL A 180 -5.47 0.23 -7.92
CA VAL A 180 -5.31 -0.86 -8.86
C VAL A 180 -6.15 -2.03 -8.39
N VAL A 181 -6.61 -2.83 -9.36
CA VAL A 181 -7.16 -4.16 -9.10
C VAL A 181 -6.51 -5.09 -10.11
N THR A 182 -5.60 -5.95 -9.64
CA THR A 182 -4.94 -6.90 -10.54
C THR A 182 -5.85 -8.05 -10.94
N ASN A 183 -6.75 -8.49 -10.05
CA ASN A 183 -7.60 -9.65 -10.24
C ASN A 183 -8.46 -9.85 -9.00
N ILE A 184 -9.51 -10.65 -9.14
CA ILE A 184 -10.45 -10.93 -8.07
C ILE A 184 -10.66 -12.45 -8.05
N ASP A 185 -10.00 -13.13 -7.13
CA ASP A 185 -10.12 -14.55 -6.94
C ASP A 185 -11.00 -14.82 -5.72
N ALA A 186 -11.15 -16.10 -5.40
CA ALA A 186 -12.03 -16.53 -4.33
C ALA A 186 -11.26 -17.06 -3.12
N ASP A 187 -9.98 -16.70 -3.01
CA ASP A 187 -9.18 -17.15 -1.88
C ASP A 187 -9.78 -16.72 -0.54
N HIS A 188 -10.36 -15.52 -0.47
CA HIS A 188 -10.86 -14.95 0.78
C HIS A 188 -12.37 -14.80 0.82
N MET A 189 -13.10 -15.69 0.17
CA MET A 189 -14.56 -15.67 0.34
C MET A 189 -14.93 -15.82 1.81
N ALA A 190 -14.09 -16.52 2.60
CA ALA A 190 -14.40 -16.71 4.01
C ALA A 190 -14.68 -15.39 4.70
N THR A 191 -13.89 -14.36 4.39
CA THR A 191 -14.12 -13.05 4.95
C THR A 191 -15.50 -12.50 4.61
N TYR A 192 -16.12 -13.00 3.56
CA TYR A 192 -17.38 -12.45 3.06
C TYR A 192 -18.49 -13.49 3.16
N GLY A 193 -18.52 -14.20 4.29
CA GLY A 193 -19.55 -15.21 4.52
C GLY A 193 -19.54 -16.32 3.51
N GLY A 194 -18.40 -16.56 2.86
CA GLY A 194 -18.30 -17.58 1.83
C GLY A 194 -19.06 -17.31 0.56
N ASP A 195 -19.40 -16.05 0.26
CA ASP A 195 -20.14 -15.74 -0.97
C ASP A 195 -19.26 -14.95 -1.93
N PHE A 196 -18.92 -15.55 -3.07
CA PHE A 196 -18.05 -14.88 -4.04
C PHE A 196 -18.72 -13.64 -4.60
N ASN A 197 -20.04 -13.62 -4.70
CA ASN A 197 -20.73 -12.44 -5.20
C ASN A 197 -20.64 -11.29 -4.20
N LYS A 198 -20.63 -11.58 -2.90
CA LYS A 198 -20.39 -10.51 -1.93
C LYS A 198 -18.95 -10.02 -1.98
N LEU A 199 -18.03 -10.91 -2.33
CA LEU A 199 -16.65 -10.50 -2.51
C LEU A 199 -16.52 -9.50 -3.65
N LYS A 200 -17.21 -9.76 -4.77
CA LYS A 200 -17.16 -8.84 -5.89
C LYS A 200 -17.79 -7.49 -5.53
N LYS A 201 -18.92 -7.50 -4.82
CA LYS A 201 -19.55 -6.24 -4.44
C LYS A 201 -18.62 -5.41 -3.59
N THR A 202 -17.71 -6.07 -2.86
CA THR A 202 -16.77 -5.33 -2.02
C THR A 202 -15.72 -4.63 -2.86
N PHE A 203 -15.32 -5.21 -3.99
CA PHE A 203 -14.37 -4.52 -4.84
C PHE A 203 -15.00 -3.29 -5.48
N VAL A 204 -16.28 -3.38 -5.83
CA VAL A 204 -16.97 -2.20 -6.37
C VAL A 204 -17.01 -1.10 -5.31
N GLU A 205 -17.39 -1.46 -4.08
CA GLU A 205 -17.45 -0.47 -3.01
C GLU A 205 -16.09 0.15 -2.75
N PHE A 206 -15.04 -0.68 -2.81
CA PHE A 206 -13.69 -0.17 -2.61
C PHE A 206 -13.31 0.84 -3.68
N LEU A 207 -13.56 0.53 -4.95
CA LEU A 207 -13.22 1.48 -6.00
C LEU A 207 -14.02 2.76 -5.91
N HIS A 208 -15.17 2.73 -5.23
CA HIS A 208 -15.96 3.93 -5.08
C HIS A 208 -15.53 4.78 -3.89
N ASN A 209 -14.58 4.31 -3.07
CA ASN A 209 -13.88 5.22 -2.18
C ASN A 209 -12.91 6.12 -2.92
N LEU A 210 -12.70 5.88 -4.20
CA LEU A 210 -11.96 6.83 -5.00
C LEU A 210 -12.76 8.11 -5.14
N PRO A 211 -12.10 9.27 -5.14
CA PRO A 211 -12.79 10.51 -5.49
C PRO A 211 -13.02 10.57 -6.99
N PHE A 212 -13.95 11.43 -7.40
CA PHE A 212 -14.28 11.50 -8.82
C PHE A 212 -13.10 11.96 -9.68
N TYR A 213 -12.06 12.54 -9.08
CA TYR A 213 -10.86 12.92 -9.82
C TYR A 213 -9.80 11.82 -9.77
N GLY A 214 -10.05 10.74 -9.04
CA GLY A 214 -9.12 9.65 -8.89
C GLY A 214 -9.07 8.76 -10.12
N LEU A 215 -8.44 7.60 -9.95
CA LEU A 215 -8.18 6.72 -11.08
C LEU A 215 -8.22 5.27 -10.66
N ALA A 216 -8.96 4.44 -11.40
CA ALA A 216 -9.04 3.01 -11.18
C ALA A 216 -8.32 2.30 -12.32
N VAL A 217 -7.28 1.56 -11.98
CA VAL A 217 -6.44 0.86 -12.94
C VAL A 217 -6.78 -0.61 -12.86
N MET A 218 -7.38 -1.15 -13.93
CA MET A 218 -8.16 -2.38 -13.90
C MET A 218 -7.63 -3.38 -14.90
N CYS A 219 -7.35 -4.60 -14.45
CA CYS A 219 -6.89 -5.65 -15.35
C CYS A 219 -8.08 -6.31 -16.02
N VAL A 220 -8.33 -5.97 -17.30
CA VAL A 220 -9.45 -6.56 -18.03
C VAL A 220 -9.15 -7.95 -18.55
N ASP A 221 -7.96 -8.49 -18.29
CA ASP A 221 -7.68 -9.89 -18.61
C ASP A 221 -8.31 -10.84 -17.60
N ASP A 222 -8.79 -10.33 -16.47
CA ASP A 222 -9.51 -11.12 -15.48
C ASP A 222 -10.99 -11.03 -15.78
N PRO A 223 -11.68 -12.13 -16.04
CA PRO A 223 -13.10 -12.00 -16.39
C PRO A 223 -13.92 -11.35 -15.30
N VAL A 224 -13.52 -11.51 -14.04
CA VAL A 224 -14.30 -10.93 -12.95
C VAL A 224 -14.14 -9.42 -12.95
N VAL A 225 -12.92 -8.93 -13.19
CA VAL A 225 -12.71 -7.49 -13.27
C VAL A 225 -13.50 -6.91 -14.43
N ARG A 226 -13.42 -7.54 -15.60
CA ARG A 226 -14.21 -7.08 -16.74
C ARG A 226 -15.69 -7.08 -16.43
N GLU A 227 -16.14 -7.97 -15.55
CA GLU A 227 -17.56 -8.05 -15.22
C GLU A 227 -18.01 -6.82 -14.44
N ILE A 228 -17.21 -6.34 -13.49
CA ILE A 228 -17.64 -5.23 -12.64
C ILE A 228 -17.30 -3.89 -13.24
N LEU A 229 -16.54 -3.87 -14.32
CA LEU A 229 -16.10 -2.61 -14.91
C LEU A 229 -17.24 -1.64 -15.19
N PRO A 230 -18.38 -2.06 -15.75
CA PRO A 230 -19.46 -1.11 -16.00
C PRO A 230 -20.04 -0.49 -14.76
N GLN A 231 -19.69 -0.99 -13.58
CA GLN A 231 -20.21 -0.45 -12.33
C GLN A 231 -19.35 0.66 -11.75
N ILE A 232 -18.14 0.86 -12.26
CA ILE A 232 -17.20 1.81 -11.68
C ILE A 232 -17.51 3.17 -12.25
N ALA A 233 -18.09 4.04 -11.44
CA ALA A 233 -18.39 5.39 -11.88
C ALA A 233 -17.24 6.33 -11.56
N ARG A 234 -16.03 5.90 -11.91
CA ARG A 234 -14.81 6.68 -11.68
C ARG A 234 -13.96 6.57 -12.94
N PRO A 235 -13.08 7.54 -13.18
CA PRO A 235 -12.17 7.40 -14.32
C PRO A 235 -11.39 6.11 -14.18
N THR A 236 -11.30 5.37 -15.28
CA THR A 236 -10.61 4.09 -15.28
C THR A 236 -9.68 3.99 -16.48
N VAL A 237 -8.58 3.28 -16.28
CA VAL A 237 -7.71 2.85 -17.36
C VAL A 237 -7.55 1.35 -17.23
N THR A 238 -7.72 0.64 -18.33
CA THR A 238 -7.65 -0.82 -18.33
C THR A 238 -6.33 -1.28 -18.93
N TYR A 239 -5.92 -2.48 -18.54
CA TYR A 239 -4.69 -3.04 -19.06
C TYR A 239 -4.81 -4.54 -19.21
N GLY A 240 -3.92 -5.09 -20.01
CA GLY A 240 -3.84 -6.53 -20.19
C GLY A 240 -3.29 -6.84 -21.56
N LEU A 241 -3.31 -8.13 -21.88
CA LEU A 241 -3.04 -8.59 -23.24
C LEU A 241 -4.27 -8.46 -24.13
N SER A 242 -5.46 -8.45 -23.54
CA SER A 242 -6.69 -8.29 -24.31
C SER A 242 -6.53 -7.19 -25.33
N GLU A 243 -6.96 -7.47 -26.57
CA GLU A 243 -6.78 -6.49 -27.61
C GLU A 243 -7.58 -5.23 -27.37
N ASP A 244 -8.55 -5.25 -26.46
CA ASP A 244 -9.37 -4.09 -26.17
C ASP A 244 -8.97 -3.35 -24.91
N ALA A 245 -7.85 -3.72 -24.28
CA ALA A 245 -7.36 -2.96 -23.15
C ALA A 245 -6.73 -1.65 -23.63
N ASP A 246 -6.83 -0.63 -22.78
CA ASP A 246 -6.23 0.67 -23.10
C ASP A 246 -4.71 0.57 -23.21
N VAL A 247 -4.08 -0.04 -22.20
CA VAL A 247 -2.63 -0.24 -22.18
C VAL A 247 -2.38 -1.73 -22.34
N ARG A 248 -1.69 -2.11 -23.41
CA ARG A 248 -1.47 -3.51 -23.75
C ARG A 248 0.01 -3.81 -23.86
N ALA A 249 0.33 -5.08 -23.64
CA ALA A 249 1.64 -5.65 -23.94
C ALA A 249 1.56 -6.49 -25.20
N ILE A 250 2.54 -6.33 -26.09
CA ILE A 250 2.62 -7.13 -27.31
C ILE A 250 4.07 -7.55 -27.53
N ASN A 251 4.27 -8.39 -28.53
CA ASN A 251 5.57 -8.94 -28.87
C ASN A 251 6.35 -9.35 -27.63
N ILE A 252 5.69 -10.15 -26.79
CA ILE A 252 6.35 -10.71 -25.62
C ILE A 252 7.41 -11.70 -26.08
N ARG A 253 8.61 -11.54 -25.56
CA ARG A 253 9.77 -12.31 -26.01
C ARG A 253 10.67 -12.52 -24.80
N GLN A 254 11.68 -13.38 -24.97
CA GLN A 254 12.66 -13.64 -23.92
C GLN A 254 14.08 -13.56 -24.46
N GLU A 255 14.98 -13.05 -23.61
CA GLU A 255 16.43 -13.10 -23.82
C GLU A 255 17.02 -13.33 -22.42
N GLY A 256 17.21 -14.60 -22.06
CA GLY A 256 17.60 -14.95 -20.70
C GLY A 256 16.40 -15.14 -19.78
N MET A 257 16.60 -14.90 -18.48
CA MET A 257 15.51 -14.87 -17.51
C MET A 257 14.80 -13.52 -17.49
N ARG A 258 15.08 -12.71 -18.50
CA ARG A 258 14.53 -11.38 -18.64
C ARG A 258 13.45 -11.40 -19.70
N THR A 259 12.25 -10.98 -19.35
CA THR A 259 11.15 -10.87 -20.28
C THR A 259 11.13 -9.47 -20.91
N TRP A 260 11.08 -9.43 -22.24
CA TRP A 260 10.94 -8.19 -22.98
C TRP A 260 9.53 -8.08 -23.53
N PHE A 261 9.01 -6.87 -23.61
CA PHE A 261 7.77 -6.66 -24.34
C PHE A 261 7.62 -5.19 -24.71
N THR A 262 6.60 -4.94 -25.53
CA THR A 262 6.31 -3.61 -26.07
C THR A 262 4.97 -3.16 -25.51
N VAL A 263 4.95 -1.95 -24.94
CA VAL A 263 3.74 -1.42 -24.33
C VAL A 263 3.11 -0.41 -25.27
N LEU A 264 1.81 -0.56 -25.50
CA LEU A 264 1.03 0.37 -26.27
C LEU A 264 0.25 1.24 -25.30
N ARG A 265 0.27 2.53 -25.53
CA ARG A 265 -0.45 3.46 -24.68
C ARG A 265 -1.21 4.45 -25.54
N PRO A 266 -2.37 4.90 -25.10
CA PRO A 266 -3.14 5.84 -25.90
C PRO A 266 -2.33 7.11 -26.15
N GLU A 267 -2.31 7.54 -27.41
CA GLU A 267 -1.65 8.79 -27.80
C GLU A 267 -0.19 8.82 -27.34
N ARG A 268 0.49 7.66 -27.40
CA ARG A 268 1.91 7.58 -27.12
C ARG A 268 2.56 6.63 -28.11
N GLU A 269 3.85 6.78 -28.27
CA GLU A 269 4.57 5.87 -29.13
C GLU A 269 4.89 4.59 -28.36
N PRO A 270 4.99 3.46 -29.05
CA PRO A 270 5.23 2.20 -28.34
C PRO A 270 6.55 2.22 -27.61
N LEU A 271 6.54 1.73 -26.39
CA LEU A 271 7.70 1.72 -25.51
C LEU A 271 8.15 0.28 -25.27
N ASP A 272 9.43 0.01 -25.53
CA ASP A 272 10.02 -1.31 -25.30
C ASP A 272 10.54 -1.41 -23.87
N VAL A 273 10.04 -2.36 -23.11
CA VAL A 273 10.43 -2.54 -21.72
C VAL A 273 10.95 -3.96 -21.52
N SER A 274 11.48 -4.19 -20.33
CA SER A 274 11.94 -5.51 -19.93
C SER A 274 11.86 -5.60 -18.41
N VAL A 275 11.58 -6.80 -17.91
CA VAL A 275 11.49 -7.05 -16.47
C VAL A 275 12.17 -8.37 -16.18
N ASN A 276 12.89 -8.45 -15.05
CA ASN A 276 13.66 -9.64 -14.71
C ASN A 276 12.78 -10.63 -13.94
N MET A 277 11.66 -11.01 -14.57
CA MET A 277 10.69 -11.87 -13.92
C MET A 277 9.91 -12.64 -14.98
N PRO A 278 9.60 -13.90 -14.75
CA PRO A 278 8.91 -14.68 -15.77
C PRO A 278 7.40 -14.70 -15.61
N GLY A 279 6.70 -15.03 -16.69
CA GLY A 279 5.29 -15.33 -16.60
C GLY A 279 4.43 -14.13 -16.95
N LEU A 280 3.31 -14.39 -17.63
CA LEU A 280 2.46 -13.31 -18.06
C LEU A 280 1.89 -12.51 -16.90
N HIS A 281 1.81 -13.09 -15.70
CA HIS A 281 1.24 -12.32 -14.59
C HIS A 281 2.17 -11.19 -14.17
N ASN A 282 3.49 -11.35 -14.32
CA ASN A 282 4.39 -10.24 -14.05
C ASN A 282 4.47 -9.26 -15.20
N VAL A 283 4.09 -9.66 -16.43
CA VAL A 283 3.87 -8.67 -17.48
C VAL A 283 2.66 -7.81 -17.11
N LEU A 284 1.60 -8.43 -16.61
CA LEU A 284 0.44 -7.65 -16.18
C LEU A 284 0.79 -6.72 -15.03
N ASN A 285 1.63 -7.17 -14.10
CA ASN A 285 2.02 -6.30 -12.99
C ASN A 285 2.86 -5.14 -13.50
N SER A 286 3.70 -5.38 -14.51
CA SER A 286 4.41 -4.26 -15.14
C SER A 286 3.44 -3.29 -15.81
N LEU A 287 2.43 -3.81 -16.52
CA LEU A 287 1.48 -2.94 -17.20
C LEU A 287 0.75 -2.04 -16.21
N ALA A 288 0.35 -2.58 -15.06
CA ALA A 288 -0.32 -1.74 -14.08
C ALA A 288 0.60 -0.64 -13.60
N THR A 289 1.87 -0.98 -13.37
CA THR A 289 2.85 0.02 -12.98
C THR A 289 3.02 1.07 -14.06
N ILE A 290 3.12 0.64 -15.32
CA ILE A 290 3.25 1.59 -16.41
C ILE A 290 2.05 2.51 -16.47
N VAL A 291 0.85 1.99 -16.20
CA VAL A 291 -0.34 2.83 -16.21
C VAL A 291 -0.24 3.90 -15.14
N ILE A 292 0.16 3.51 -13.94
CA ILE A 292 0.23 4.47 -12.83
C ILE A 292 1.35 5.48 -13.05
N ALA A 293 2.53 5.00 -13.44
CA ALA A 293 3.64 5.91 -13.67
C ALA A 293 3.34 6.86 -14.81
N THR A 294 2.57 6.43 -15.81
CA THR A 294 2.22 7.33 -16.90
C THR A 294 1.20 8.36 -16.45
N ASP A 295 0.24 7.98 -15.61
CA ASP A 295 -0.71 8.97 -15.10
C ASP A 295 0.00 10.03 -14.30
N GLU A 296 0.96 9.63 -13.46
CA GLU A 296 1.63 10.55 -12.57
C GLU A 296 2.66 11.39 -13.30
N GLY A 297 2.90 11.12 -14.57
CA GLY A 297 3.78 11.94 -15.39
C GLY A 297 5.24 11.54 -15.41
N ILE A 298 5.59 10.36 -14.92
CA ILE A 298 6.98 9.93 -14.89
C ILE A 298 7.49 9.63 -16.31
N SER A 299 8.76 9.92 -16.55
CA SER A 299 9.33 9.82 -17.88
C SER A 299 9.45 8.38 -18.32
N ASP A 300 9.47 8.18 -19.64
CA ASP A 300 9.67 6.83 -20.15
C ASP A 300 11.02 6.27 -19.71
N GLU A 301 11.98 7.14 -19.47
CA GLU A 301 13.30 6.65 -19.09
C GLU A 301 13.28 6.07 -17.68
N ALA A 302 12.62 6.76 -16.74
CA ALA A 302 12.48 6.24 -15.38
C ALA A 302 11.63 4.97 -15.33
N ILE A 303 10.62 4.86 -16.18
CA ILE A 303 9.82 3.64 -16.24
C ILE A 303 10.68 2.45 -16.64
N VAL A 304 11.45 2.62 -17.72
CA VAL A 304 12.30 1.54 -18.19
C VAL A 304 13.32 1.18 -17.13
N GLN A 305 13.97 2.19 -16.54
CA GLN A 305 15.00 1.92 -15.54
C GLN A 305 14.39 1.29 -14.30
N GLY A 306 13.23 1.76 -13.86
CA GLY A 306 12.58 1.15 -12.72
C GLY A 306 12.23 -0.30 -12.95
N LEU A 307 11.67 -0.62 -14.12
CA LEU A 307 11.24 -2.00 -14.38
C LEU A 307 12.44 -2.93 -14.54
N SER A 308 13.42 -2.55 -15.36
CA SER A 308 14.54 -3.44 -15.61
C SER A 308 15.43 -3.63 -14.38
N GLY A 309 15.40 -2.69 -13.43
CA GLY A 309 16.26 -2.82 -12.28
C GLY A 309 15.72 -3.74 -11.21
N PHE A 310 14.40 -3.91 -11.17
CA PHE A 310 13.77 -4.71 -10.12
C PHE A 310 14.23 -6.16 -10.21
N GLN A 311 14.60 -6.73 -9.07
CA GLN A 311 15.14 -8.08 -9.01
C GLN A 311 14.07 -9.13 -8.71
N GLY A 312 13.40 -9.02 -7.56
CA GLY A 312 12.38 -9.99 -7.18
C GLY A 312 12.63 -10.66 -5.86
#